data_3NAY
#
_entry.id   3NAY
#
_cell.length_a   89.677
_cell.length_b   89.677
_cell.length_c   178.000
_cell.angle_alpha   90.00
_cell.angle_beta   90.00
_cell.angle_gamma   90.00
#
_symmetry.space_group_name_H-M   'P 41 21 2'
#
loop_
_entity.id
_entity.type
_entity.pdbx_description
1 polymer '3-phosphoinositide-dependent protein kinase 1'
2 non-polymer 4-(2-cyclopropylethylidene)-9-(1H-pyrazol-4-yl)-6-{[(1R)-1,2,2-trimethylpropyl]amino}benzo[c][1,6]naphthyridin-1(4H)-one
3 water water
#
_entity_poly.entity_id   1
_entity_poly.type   'polypeptide(L)'
_entity_poly.pdbx_seq_one_letter_code
;MHHHHHHENLYFQGQHAQPPPQPRKKRPEDFKFGKILGEGSFSTVVLARELATSREYAIKILEKRHIIKENKVPYVTRER
DVMSRLDHPFFVKLYFTFQDDEKLYFGLSYAKNGELLKYIRKIGSFDETCTRFYTAEIVSALEYLHGKGIIHRDLKPENI
LLNEDMHIQITDFGTAKVLSPESKQARAN(SEP)FVGTAQYVSPELLTEKSACKSSDLWALGCIIYQLVAGLPPFRAGNE
YLIFQKIIKLEYDFPEKFFPKARDLVEKLLVLDATKRLGCEEMEGYGPLKAHPFFESVTWENLHQQTPPKLTAYL
;
_entity_poly.pdbx_strand_id   A,B
#
# COMPACT_ATOMS: atom_id res chain seq x y z
N LYS A 25 24.47 25.47 6.43
CA LYS A 25 24.84 24.26 7.18
C LYS A 25 24.01 24.11 8.48
N LYS A 26 22.68 23.83 8.30
CA LYS A 26 21.70 23.68 9.36
C LYS A 26 21.74 22.30 10.02
N ARG A 27 21.12 22.21 11.19
CA ARG A 27 20.99 21.00 11.97
C ARG A 27 19.60 20.95 12.64
N PRO A 28 19.07 19.79 13.11
CA PRO A 28 17.69 19.77 13.66
C PRO A 28 17.37 20.78 14.77
N GLU A 29 18.39 21.19 15.51
CA GLU A 29 18.37 22.10 16.67
C GLU A 29 18.10 23.54 16.29
N ASP A 30 18.39 23.91 15.03
CA ASP A 30 18.15 25.24 14.49
C ASP A 30 16.65 25.54 14.33
N PHE A 31 15.79 24.52 14.46
CA PHE A 31 14.34 24.56 14.24
C PHE A 31 13.55 24.09 15.42
N LYS A 32 12.34 24.63 15.58
CA LYS A 32 11.36 24.21 16.57
C LYS A 32 10.28 23.48 15.74
N PHE A 33 10.21 22.16 15.89
CA PHE A 33 9.24 21.33 15.18
C PHE A 33 7.84 21.49 15.75
N GLY A 34 6.87 21.75 14.85
CA GLY A 34 5.46 21.96 15.19
C GLY A 34 4.56 20.86 14.70
N LYS A 35 3.43 21.24 14.11
CA LYS A 35 2.41 20.28 13.66
C LYS A 35 2.84 19.40 12.49
N ILE A 36 2.35 18.14 12.49
CA ILE A 36 2.58 17.18 11.41
C ILE A 36 1.66 17.59 10.27
N LEU A 37 2.22 17.91 9.09
CA LEU A 37 1.40 18.35 7.96
C LEU A 37 0.82 17.16 7.17
N GLY A 38 1.66 16.14 6.95
CA GLY A 38 1.31 14.92 6.21
C GLY A 38 2.25 13.75 6.47
N GLU A 39 1.78 12.57 6.09
CA GLU A 39 2.50 11.32 6.26
C GLU A 39 2.57 10.55 4.96
N GLY A 40 3.77 10.02 4.71
CA GLY A 40 4.10 9.23 3.53
C GLY A 40 4.23 7.76 3.90
N SER A 41 4.59 6.94 2.91
CA SER A 41 4.75 5.49 3.07
C SER A 41 5.90 5.13 4.03
N PHE A 42 6.96 5.99 4.08
CA PHE A 42 8.16 5.83 4.91
C PHE A 42 8.68 7.18 5.44
N SER A 43 7.85 8.25 5.34
CA SER A 43 8.20 9.60 5.72
C SER A 43 7.08 10.35 6.47
N THR A 44 7.43 11.51 7.09
CA THR A 44 6.55 12.44 7.79
C THR A 44 7.00 13.87 7.44
N VAL A 45 6.05 14.77 7.12
CA VAL A 45 6.32 16.17 6.81
C VAL A 45 5.78 17.01 7.98
N VAL A 46 6.67 17.75 8.64
CA VAL A 46 6.36 18.53 9.84
C VAL A 46 6.57 20.00 9.56
N LEU A 47 5.71 20.89 10.12
CA LEU A 47 5.91 22.33 10.04
C LEU A 47 6.98 22.68 11.07
N ALA A 48 8.03 23.38 10.65
CA ALA A 48 9.11 23.79 11.54
C ALA A 48 9.40 25.26 11.39
N ARG A 49 9.75 25.93 12.48
CA ARG A 49 10.09 27.35 12.47
C ARG A 49 11.59 27.51 12.81
N GLU A 50 12.34 28.17 11.93
CA GLU A 50 13.76 28.42 12.16
C GLU A 50 13.91 29.43 13.29
N LEU A 51 14.65 29.06 14.35
CA LEU A 51 14.90 29.87 15.54
C LEU A 51 15.48 31.26 15.23
N ALA A 52 16.56 31.29 14.44
CA ALA A 52 17.24 32.53 14.03
C ALA A 52 16.37 33.56 13.32
N THR A 53 15.73 33.15 12.20
CA THR A 53 14.95 33.97 11.25
C THR A 53 13.44 34.04 11.52
N SER A 54 12.85 33.01 12.18
CA SER A 54 11.41 32.86 12.47
C SER A 54 10.67 32.33 11.20
N ARG A 55 11.46 31.93 10.17
CA ARG A 55 10.95 31.40 8.91
C ARG A 55 10.42 29.99 9.06
N GLU A 56 9.25 29.72 8.43
CA GLU A 56 8.56 28.43 8.41
C GLU A 56 8.94 27.58 7.20
N TYR A 57 9.19 26.30 7.47
CA TYR A 57 9.55 25.31 6.47
C TYR A 57 8.74 24.07 6.71
N ALA A 58 8.51 23.30 5.66
CA ALA A 58 7.88 22.00 5.83
C ALA A 58 9.07 21.07 5.76
N ILE A 59 9.44 20.45 6.86
CA ILE A 59 10.59 19.55 6.88
C ILE A 59 10.12 18.11 6.77
N LYS A 60 10.64 17.39 5.77
CA LYS A 60 10.35 15.99 5.52
C LYS A 60 11.42 15.21 6.29
N ILE A 61 10.97 14.33 7.19
CA ILE A 61 11.81 13.52 8.05
C ILE A 61 11.70 12.05 7.67
N LEU A 62 12.84 11.38 7.49
CA LEU A 62 12.94 9.97 7.17
C LEU A 62 13.84 9.29 8.18
N GLU A 63 13.39 8.19 8.81
CA GLU A 63 14.21 7.40 9.75
C GLU A 63 15.23 6.60 8.91
N LYS A 64 16.53 6.89 9.09
CA LYS A 64 17.62 6.22 8.34
C LYS A 64 17.54 4.69 8.40
N ARG A 65 17.29 4.13 9.60
CA ARG A 65 17.19 2.70 9.85
C ARG A 65 16.16 2.04 8.94
N HIS A 66 14.95 2.64 8.86
CA HIS A 66 13.82 2.21 8.04
C HIS A 66 14.13 2.28 6.54
N ILE A 67 14.73 3.37 6.08
CA ILE A 67 15.08 3.59 4.68
C ILE A 67 16.15 2.59 4.20
N ILE A 68 17.10 2.24 5.08
CA ILE A 68 18.15 1.24 4.83
C ILE A 68 17.52 -0.18 4.82
N LYS A 69 16.69 -0.49 5.85
CA LYS A 69 16.00 -1.76 6.05
C LYS A 69 15.05 -2.14 4.92
N GLU A 70 14.23 -1.18 4.44
CA GLU A 70 13.24 -1.42 3.40
C GLU A 70 13.77 -1.16 1.97
N ASN A 71 15.08 -0.89 1.83
CA ASN A 71 15.76 -0.58 0.55
C ASN A 71 15.08 0.59 -0.20
N LYS A 72 14.77 1.68 0.55
CA LYS A 72 14.07 2.86 0.06
C LYS A 72 14.97 4.01 -0.44
N VAL A 73 16.30 3.86 -0.32
CA VAL A 73 17.33 4.84 -0.75
C VAL A 73 17.13 5.35 -2.20
N PRO A 74 16.89 4.48 -3.24
CA PRO A 74 16.67 5.00 -4.60
C PRO A 74 15.50 5.97 -4.74
N TYR A 75 14.46 5.86 -3.87
CA TYR A 75 13.31 6.78 -3.86
C TYR A 75 13.72 8.12 -3.29
N VAL A 76 14.54 8.10 -2.22
CA VAL A 76 15.11 9.27 -1.54
C VAL A 76 16.00 10.02 -2.56
N THR A 77 16.86 9.26 -3.27
CA THR A 77 17.77 9.76 -4.31
C THR A 77 17.00 10.39 -5.48
N ARG A 78 15.93 9.74 -5.95
CA ARG A 78 15.08 10.20 -7.04
C ARG A 78 14.43 11.51 -6.67
N GLU A 79 13.85 11.61 -5.47
CA GLU A 79 13.22 12.85 -5.04
C GLU A 79 14.23 13.97 -4.94
N ARG A 80 15.44 13.67 -4.41
CA ARG A 80 16.57 14.60 -4.27
C ARG A 80 17.00 15.09 -5.64
N ASP A 81 17.19 14.17 -6.60
CA ASP A 81 17.56 14.45 -7.98
C ASP A 81 16.52 15.31 -8.67
N VAL A 82 15.26 14.83 -8.75
CA VAL A 82 14.14 15.55 -9.38
C VAL A 82 13.96 16.95 -8.83
N MET A 83 13.77 17.10 -7.52
CA MET A 83 13.52 18.39 -6.86
C MET A 83 14.61 19.45 -7.06
N SER A 84 15.89 19.03 -7.12
CA SER A 84 17.02 19.95 -7.32
C SER A 84 17.07 20.55 -8.73
N ARG A 85 16.37 19.92 -9.70
CA ARG A 85 16.26 20.33 -11.10
C ARG A 85 15.18 21.37 -11.34
N LEU A 86 14.08 21.34 -10.55
CA LEU A 86 12.95 22.26 -10.76
C LEU A 86 13.14 23.62 -10.12
N ASP A 87 12.69 24.65 -10.82
CA ASP A 87 12.64 26.04 -10.34
C ASP A 87 11.45 26.69 -11.03
N HIS A 88 10.27 26.53 -10.43
CA HIS A 88 9.01 26.99 -11.00
C HIS A 88 8.03 27.35 -9.88
N PRO A 89 7.18 28.38 -10.04
CA PRO A 89 6.24 28.75 -8.96
C PRO A 89 5.21 27.67 -8.57
N PHE A 90 4.94 26.70 -9.44
CA PHE A 90 3.94 25.67 -9.18
C PHE A 90 4.46 24.37 -8.57
N PHE A 91 5.72 24.38 -8.08
CA PHE A 91 6.32 23.19 -7.46
C PHE A 91 6.89 23.53 -6.11
N VAL A 92 6.76 22.59 -5.15
CA VAL A 92 7.36 22.69 -3.82
C VAL A 92 8.88 22.70 -4.08
N LYS A 93 9.57 23.67 -3.45
CA LYS A 93 11.01 23.88 -3.56
C LYS A 93 11.74 23.17 -2.43
N LEU A 94 12.90 22.57 -2.75
CA LEU A 94 13.82 21.92 -1.82
C LEU A 94 14.88 22.98 -1.50
N TYR A 95 14.91 23.44 -0.23
CA TYR A 95 15.84 24.47 0.25
C TYR A 95 17.18 23.96 0.78
N PHE A 96 17.17 22.87 1.53
CA PHE A 96 18.37 22.31 2.18
C PHE A 96 18.11 20.91 2.63
N THR A 97 19.18 20.20 2.99
CA THR A 97 19.11 18.84 3.53
C THR A 97 20.15 18.69 4.65
N PHE A 98 19.78 18.01 5.72
CA PHE A 98 20.69 17.68 6.81
C PHE A 98 20.32 16.35 7.43
N GLN A 99 21.17 15.86 8.35
CA GLN A 99 20.94 14.60 9.04
C GLN A 99 21.60 14.56 10.37
N ASP A 100 21.10 13.67 11.24
CA ASP A 100 21.64 13.35 12.56
C ASP A 100 21.82 11.83 12.62
N ASP A 101 22.12 11.25 13.79
CA ASP A 101 22.34 9.80 13.95
C ASP A 101 21.20 8.90 13.46
N GLU A 102 19.96 9.31 13.73
CA GLU A 102 18.75 8.56 13.41
C GLU A 102 18.01 9.00 12.15
N LYS A 103 17.91 10.32 11.94
CA LYS A 103 17.10 10.89 10.85
C LYS A 103 17.80 11.68 9.76
N LEU A 104 17.14 11.74 8.58
CA LEU A 104 17.45 12.47 7.36
C LEU A 104 16.31 13.52 7.19
N TYR A 105 16.68 14.79 6.99
CA TYR A 105 15.74 15.93 6.91
C TYR A 105 15.85 16.73 5.61
N PHE A 106 14.69 17.12 5.03
CA PHE A 106 14.59 17.92 3.79
C PHE A 106 13.79 19.17 4.04
N GLY A 107 14.44 20.33 3.98
CA GLY A 107 13.78 21.62 4.16
C GLY A 107 13.10 22.06 2.89
N LEU A 108 11.77 22.03 2.90
CA LEU A 108 10.89 22.32 1.77
C LEU A 108 10.02 23.54 2.00
N SER A 109 9.41 24.08 0.94
CA SER A 109 8.49 25.21 1.07
C SER A 109 7.22 24.78 1.81
N TYR A 110 6.65 25.71 2.63
CA TYR A 110 5.39 25.47 3.33
C TYR A 110 4.24 25.90 2.42
N ALA A 111 3.27 25.00 2.21
CA ALA A 111 2.07 25.19 1.42
C ALA A 111 0.92 25.27 2.43
N LYS A 112 0.79 26.44 3.08
CA LYS A 112 -0.17 26.74 4.15
C LYS A 112 -1.58 26.18 4.01
N ASN A 113 -2.14 26.18 2.79
CA ASN A 113 -3.51 25.74 2.56
C ASN A 113 -3.77 24.26 2.34
N GLY A 114 -2.76 23.43 2.50
CA GLY A 114 -2.88 21.98 2.40
C GLY A 114 -3.14 21.48 1.00
N GLU A 115 -3.71 20.27 0.93
CA GLU A 115 -4.01 19.51 -0.29
C GLU A 115 -5.25 19.97 -0.99
N LEU A 116 -5.19 19.98 -2.35
CA LEU A 116 -6.33 20.30 -3.20
C LEU A 116 -7.49 19.32 -2.94
N LEU A 117 -7.19 18.07 -2.53
CA LEU A 117 -8.19 17.05 -2.19
C LEU A 117 -9.10 17.48 -1.02
N LYS A 118 -8.52 18.18 -0.03
CA LYS A 118 -9.20 18.68 1.17
C LYS A 118 -10.36 19.61 0.77
N TYR A 119 -10.17 20.45 -0.27
CA TYR A 119 -11.18 21.34 -0.83
C TYR A 119 -12.20 20.60 -1.72
N ILE A 120 -11.76 19.51 -2.38
CA ILE A 120 -12.67 18.67 -3.16
C ILE A 120 -13.65 18.01 -2.20
N ARG A 121 -13.14 17.50 -1.06
CA ARG A 121 -13.92 16.87 0.00
C ARG A 121 -14.84 17.88 0.74
N LYS A 122 -14.31 19.07 1.02
CA LYS A 122 -15.00 20.16 1.73
C LYS A 122 -16.21 20.70 0.95
N ILE A 123 -16.02 21.00 -0.36
CA ILE A 123 -17.04 21.67 -1.16
C ILE A 123 -17.79 20.83 -2.20
N GLY A 124 -17.22 19.71 -2.61
CA GLY A 124 -17.78 18.87 -3.68
C GLY A 124 -17.50 19.51 -5.02
N SER A 125 -18.43 19.34 -5.99
CA SER A 125 -18.39 19.96 -7.33
C SER A 125 -18.01 21.44 -7.28
N PHE A 126 -16.98 21.84 -8.03
CA PHE A 126 -16.48 23.21 -8.18
C PHE A 126 -17.19 23.91 -9.33
N ASP A 127 -17.27 25.26 -9.31
CA ASP A 127 -17.84 26.02 -10.41
C ASP A 127 -16.87 26.09 -11.63
N GLU A 128 -17.31 26.62 -12.79
CA GLU A 128 -16.47 26.65 -14.00
C GLU A 128 -15.22 27.51 -13.89
N THR A 129 -15.34 28.69 -13.26
CA THR A 129 -14.28 29.67 -13.03
C THR A 129 -13.12 29.03 -12.27
N CYS A 130 -13.45 28.33 -11.19
CA CYS A 130 -12.53 27.63 -10.30
C CYS A 130 -11.87 26.47 -11.00
N THR A 131 -12.67 25.62 -11.65
CA THR A 131 -12.17 24.46 -12.40
C THR A 131 -11.17 24.92 -13.43
N ARG A 132 -11.55 25.91 -14.27
CA ARG A 132 -10.68 26.47 -15.31
C ARG A 132 -9.37 26.99 -14.77
N PHE A 133 -9.39 27.85 -13.71
CA PHE A 133 -8.18 28.41 -13.10
C PHE A 133 -7.18 27.35 -12.62
N TYR A 134 -7.67 26.38 -11.88
CA TYR A 134 -6.85 25.33 -11.29
C TYR A 134 -6.31 24.29 -12.26
N THR A 135 -7.16 23.88 -13.23
CA THR A 135 -6.81 23.02 -14.35
C THR A 135 -5.67 23.71 -15.15
N ALA A 136 -5.84 25.00 -15.51
CA ALA A 136 -4.83 25.79 -16.23
C ALA A 136 -3.49 25.81 -15.51
N GLU A 137 -3.48 26.00 -14.17
CA GLU A 137 -2.29 25.97 -13.32
C GLU A 137 -1.62 24.59 -13.35
N ILE A 138 -2.41 23.50 -13.32
CA ILE A 138 -1.86 22.13 -13.41
C ILE A 138 -1.31 21.87 -14.82
N VAL A 139 -2.00 22.34 -15.87
CA VAL A 139 -1.57 22.22 -17.28
C VAL A 139 -0.22 22.95 -17.44
N SER A 140 -0.13 24.18 -16.93
CA SER A 140 1.06 25.02 -16.96
C SER A 140 2.26 24.36 -16.24
N ALA A 141 2.02 23.70 -15.09
CA ALA A 141 3.05 23.03 -14.32
C ALA A 141 3.53 21.75 -15.01
N LEU A 142 2.62 20.99 -15.65
CA LEU A 142 2.95 19.77 -16.39
C LEU A 142 3.83 20.08 -17.57
N GLU A 143 3.56 21.20 -18.28
CA GLU A 143 4.35 21.66 -19.43
C GLU A 143 5.80 21.88 -19.02
N TYR A 144 6.03 22.56 -17.89
CA TYR A 144 7.35 22.78 -17.31
C TYR A 144 8.04 21.43 -17.06
N LEU A 145 7.36 20.53 -16.31
CA LEU A 145 7.83 19.20 -15.93
C LEU A 145 8.22 18.34 -17.12
N HIS A 146 7.35 18.27 -18.12
CA HIS A 146 7.55 17.47 -19.33
C HIS A 146 8.64 18.02 -20.23
N GLY A 147 8.83 19.34 -20.22
CA GLY A 147 9.88 20.02 -20.96
C GLY A 147 11.25 19.82 -20.35
N LYS A 148 11.30 19.28 -19.12
CA LYS A 148 12.51 18.95 -18.37
C LYS A 148 12.77 17.43 -18.42
N GLY A 149 11.93 16.71 -19.18
CA GLY A 149 12.01 15.27 -19.36
C GLY A 149 11.74 14.47 -18.10
N ILE A 150 10.79 14.94 -17.28
CA ILE A 150 10.37 14.28 -16.05
C ILE A 150 8.89 14.00 -16.18
N ILE A 151 8.48 12.80 -15.72
CA ILE A 151 7.12 12.28 -15.66
C ILE A 151 6.85 12.10 -14.17
N HIS A 152 5.79 12.71 -13.67
CA HIS A 152 5.38 12.61 -12.27
C HIS A 152 5.04 11.15 -11.84
N ARG A 153 4.17 10.45 -12.62
CA ARG A 153 3.72 9.06 -12.42
C ARG A 153 2.69 8.79 -11.29
N ASP A 154 2.43 9.78 -10.42
CA ASP A 154 1.48 9.65 -9.31
C ASP A 154 0.78 10.99 -9.03
N LEU A 155 0.44 11.70 -10.12
CA LEU A 155 -0.24 12.97 -10.04
C LEU A 155 -1.68 12.77 -9.57
N LYS A 156 -2.06 13.44 -8.49
CA LYS A 156 -3.39 13.34 -7.89
C LYS A 156 -3.68 14.55 -6.99
N PRO A 157 -4.98 14.82 -6.62
CA PRO A 157 -5.28 15.96 -5.73
C PRO A 157 -4.56 15.97 -4.37
N GLU A 158 -4.23 14.78 -3.83
CA GLU A 158 -3.51 14.63 -2.55
C GLU A 158 -2.10 15.26 -2.59
N ASN A 159 -1.46 15.28 -3.77
CA ASN A 159 -0.11 15.83 -3.92
C ASN A 159 0.00 17.14 -4.74
N ILE A 160 -1.15 17.77 -4.95
CA ILE A 160 -1.30 19.10 -5.53
C ILE A 160 -1.71 19.89 -4.29
N LEU A 161 -0.79 20.71 -3.77
CA LEU A 161 -0.97 21.51 -2.56
C LEU A 161 -1.30 22.94 -2.89
N LEU A 162 -1.75 23.73 -1.88
CA LEU A 162 -2.10 25.14 -2.09
C LEU A 162 -1.38 26.03 -1.13
N ASN A 163 -0.61 26.98 -1.63
CA ASN A 163 0.12 27.90 -0.75
C ASN A 163 -0.82 29.00 -0.20
N GLU A 164 -0.33 29.85 0.72
CA GLU A 164 -1.05 30.98 1.31
C GLU A 164 -1.88 31.81 0.30
N ASP A 165 -1.32 32.09 -0.88
CA ASP A 165 -1.95 32.84 -1.97
C ASP A 165 -2.95 32.05 -2.81
N MET A 166 -3.11 30.75 -2.51
CA MET A 166 -4.01 29.82 -3.17
C MET A 166 -3.58 29.39 -4.57
N HIS A 167 -2.24 29.38 -4.77
CA HIS A 167 -1.57 28.94 -5.97
C HIS A 167 -1.12 27.52 -5.74
N ILE A 168 -1.18 26.69 -6.79
CA ILE A 168 -0.77 25.27 -6.69
C ILE A 168 0.73 25.15 -6.44
N GLN A 169 1.12 24.12 -5.68
CA GLN A 169 2.47 23.73 -5.32
C GLN A 169 2.48 22.19 -5.44
N ILE A 170 2.88 21.68 -6.62
CA ILE A 170 2.94 20.21 -6.86
C ILE A 170 4.12 19.63 -6.10
N THR A 171 3.95 18.41 -5.59
CA THR A 171 4.96 17.71 -4.80
C THR A 171 4.91 16.20 -5.05
N ASP A 172 5.69 15.40 -4.27
CA ASP A 172 5.78 13.93 -4.28
C ASP A 172 6.50 13.35 -5.53
N PHE A 173 7.83 13.56 -5.56
CA PHE A 173 8.70 13.15 -6.68
C PHE A 173 9.56 11.94 -6.48
N GLY A 174 9.41 11.24 -5.35
CA GLY A 174 10.18 10.04 -5.06
C GLY A 174 9.95 8.93 -6.07
N THR A 175 8.75 8.93 -6.68
CA THR A 175 8.27 7.93 -7.64
C THR A 175 8.18 8.46 -9.07
N ALA A 176 8.72 9.65 -9.31
CA ALA A 176 8.78 10.26 -10.64
C ALA A 176 9.73 9.46 -11.53
N LYS A 177 9.69 9.74 -12.84
CA LYS A 177 10.51 9.06 -13.84
C LYS A 177 11.28 10.12 -14.62
N VAL A 178 12.61 10.01 -14.62
CA VAL A 178 13.48 10.90 -15.38
C VAL A 178 13.83 10.19 -16.68
N LEU A 179 13.61 10.88 -17.81
CA LEU A 179 13.96 10.35 -19.13
C LEU A 179 15.38 10.84 -19.49
N SER A 180 16.04 10.17 -20.46
CA SER A 180 17.41 10.49 -20.92
C SER A 180 17.49 10.62 -22.45
N ASN A 189 8.11 -2.50 -15.92
CA ASN A 189 8.96 -1.33 -15.77
C ASN A 189 8.63 -0.53 -14.49
N PHE A 191 7.15 0.94 -10.83
CA PHE A 191 6.05 1.60 -10.12
C PHE A 191 4.68 1.75 -10.82
N VAL A 192 3.60 1.62 -10.02
CA VAL A 192 2.19 1.82 -10.39
C VAL A 192 1.59 2.80 -9.36
N GLY A 193 1.14 3.96 -9.83
CA GLY A 193 0.55 5.01 -8.98
C GLY A 193 -0.81 4.68 -8.39
N THR A 194 -1.48 5.70 -7.82
CA THR A 194 -2.82 5.60 -7.23
C THR A 194 -3.76 5.03 -8.27
N ALA A 195 -4.52 3.98 -7.89
CA ALA A 195 -5.40 3.25 -8.78
C ALA A 195 -6.43 4.10 -9.53
N GLN A 196 -7.02 5.14 -8.91
CA GLN A 196 -8.03 5.96 -9.62
C GLN A 196 -7.45 6.75 -10.81
N TYR A 197 -6.14 7.10 -10.77
CA TYR A 197 -5.48 7.95 -11.76
C TYR A 197 -4.50 7.24 -12.72
N VAL A 198 -4.36 5.90 -12.60
CA VAL A 198 -3.45 5.14 -13.48
C VAL A 198 -3.88 5.06 -14.94
N SER A 199 -2.92 5.32 -15.84
CA SER A 199 -3.14 5.27 -17.29
C SER A 199 -3.19 3.82 -17.75
N PRO A 200 -3.96 3.50 -18.82
CA PRO A 200 -4.06 2.09 -19.24
C PRO A 200 -2.74 1.45 -19.68
N GLU A 201 -1.82 2.24 -20.23
CA GLU A 201 -0.49 1.79 -20.68
C GLU A 201 0.38 1.37 -19.51
N LEU A 202 0.21 2.04 -18.36
CA LEU A 202 0.96 1.77 -17.15
C LEU A 202 0.53 0.42 -16.59
N LEU A 203 -0.77 0.10 -16.72
CA LEU A 203 -1.32 -1.16 -16.27
C LEU A 203 -0.92 -2.31 -17.17
N THR A 204 -1.02 -2.12 -18.49
CA THR A 204 -0.78 -3.16 -19.47
C THR A 204 0.66 -3.35 -19.92
N GLU A 205 1.29 -2.30 -20.45
CA GLU A 205 2.66 -2.32 -20.99
C GLU A 205 3.74 -2.10 -19.91
N LYS A 206 3.31 -1.72 -18.69
CA LYS A 206 4.15 -1.42 -17.52
C LYS A 206 5.06 -0.17 -17.70
N SER A 207 4.85 0.63 -18.78
CA SER A 207 5.68 1.82 -19.05
C SER A 207 4.90 3.14 -19.17
N ALA A 208 5.32 4.13 -18.36
CA ALA A 208 4.74 5.47 -18.35
C ALA A 208 5.46 6.37 -19.33
N CYS A 209 4.73 7.36 -19.84
CA CYS A 209 5.21 8.37 -20.76
C CYS A 209 4.64 9.69 -20.23
N LYS A 210 5.00 10.82 -20.85
CA LYS A 210 4.48 12.13 -20.45
C LYS A 210 2.96 12.10 -20.57
N SER A 211 2.44 11.44 -21.60
CA SER A 211 1.02 11.26 -21.89
C SER A 211 0.24 10.56 -20.76
N SER A 212 0.94 9.80 -19.89
CA SER A 212 0.36 9.12 -18.71
C SER A 212 -0.12 10.15 -17.69
N ASP A 213 0.59 11.28 -17.61
CA ASP A 213 0.25 12.40 -16.72
C ASP A 213 -0.98 13.13 -17.27
N LEU A 214 -1.18 13.11 -18.60
CA LEU A 214 -2.34 13.72 -19.25
C LEU A 214 -3.60 12.93 -18.93
N TRP A 215 -3.47 11.58 -18.82
CA TRP A 215 -4.58 10.71 -18.39
C TRP A 215 -4.99 11.15 -16.96
N ALA A 216 -4.02 11.26 -15.99
CA ALA A 216 -4.25 11.73 -14.60
C ALA A 216 -4.93 13.11 -14.58
N LEU A 217 -4.53 14.02 -15.48
CA LEU A 217 -5.13 15.36 -15.63
C LEU A 217 -6.62 15.27 -15.99
N GLY A 218 -6.99 14.38 -16.91
CA GLY A 218 -8.37 14.11 -17.28
C GLY A 218 -9.18 13.63 -16.10
N CYS A 219 -8.59 12.73 -15.28
CA CYS A 219 -9.20 12.21 -14.03
C CYS A 219 -9.41 13.31 -13.01
N ILE A 220 -8.44 14.24 -12.91
CA ILE A 220 -8.47 15.38 -11.98
C ILE A 220 -9.53 16.41 -12.38
N ILE A 221 -9.63 16.75 -13.69
CA ILE A 221 -10.66 17.68 -14.19
C ILE A 221 -12.04 17.10 -13.88
N TYR A 222 -12.27 15.81 -14.21
CA TYR A 222 -13.53 15.15 -13.92
C TYR A 222 -13.84 15.30 -12.42
N GLN A 223 -12.88 14.94 -11.55
CA GLN A 223 -13.02 15.04 -10.11
C GLN A 223 -13.40 16.44 -9.60
N LEU A 224 -12.79 17.51 -10.17
CA LEU A 224 -13.09 18.89 -9.78
C LEU A 224 -14.53 19.26 -10.14
N VAL A 225 -14.98 18.85 -11.33
CA VAL A 225 -16.33 19.14 -11.82
C VAL A 225 -17.37 18.25 -11.12
N ALA A 226 -17.15 16.93 -11.09
CA ALA A 226 -18.07 15.95 -10.52
C ALA A 226 -18.01 15.77 -9.00
N GLY A 227 -16.87 16.09 -8.40
CA GLY A 227 -16.65 15.93 -6.97
C GLY A 227 -16.13 14.55 -6.60
N LEU A 228 -15.99 13.65 -7.60
CA LEU A 228 -15.53 12.26 -7.48
C LEU A 228 -14.68 11.86 -8.69
N PRO A 229 -13.70 10.93 -8.61
CA PRO A 229 -12.91 10.57 -9.81
C PRO A 229 -13.76 9.78 -10.84
N PRO A 230 -13.36 9.67 -12.14
CA PRO A 230 -14.21 8.94 -13.10
C PRO A 230 -14.38 7.43 -12.87
N PHE A 231 -13.26 6.75 -12.50
CA PHE A 231 -13.22 5.30 -12.27
C PHE A 231 -13.39 4.96 -10.80
N ARG A 232 -14.56 4.40 -10.48
CA ARG A 232 -14.98 4.05 -9.13
C ARG A 232 -15.50 2.60 -9.12
N ALA A 233 -15.06 1.79 -8.13
CA ALA A 233 -15.43 0.38 -7.96
C ALA A 233 -15.11 -0.09 -6.55
N GLY A 234 -15.60 -1.29 -6.22
CA GLY A 234 -15.44 -1.93 -4.91
C GLY A 234 -14.01 -2.18 -4.45
N ASN A 235 -13.10 -2.41 -5.41
CA ASN A 235 -11.68 -2.65 -5.15
C ASN A 235 -10.79 -2.24 -6.33
N GLU A 236 -9.45 -2.24 -6.11
CA GLU A 236 -8.45 -1.89 -7.10
C GLU A 236 -8.54 -2.75 -8.35
N TYR A 237 -8.83 -4.07 -8.21
CA TYR A 237 -8.97 -4.95 -9.37
C TYR A 237 -10.10 -4.44 -10.25
N LEU A 238 -11.25 -4.15 -9.64
CA LEU A 238 -12.42 -3.66 -10.33
C LEU A 238 -12.28 -2.26 -10.93
N ILE A 239 -11.46 -1.35 -10.31
CA ILE A 239 -11.15 -0.01 -10.84
C ILE A 239 -10.33 -0.18 -12.14
N PHE A 240 -9.24 -0.98 -12.08
CA PHE A 240 -8.34 -1.28 -13.21
C PHE A 240 -9.10 -1.82 -14.42
N GLN A 241 -10.12 -2.68 -14.18
CA GLN A 241 -10.97 -3.26 -15.22
C GLN A 241 -11.73 -2.14 -15.95
N LYS A 242 -12.35 -1.20 -15.19
CA LYS A 242 -13.04 -0.03 -15.72
C LYS A 242 -12.10 0.90 -16.49
N ILE A 243 -10.83 1.03 -16.06
CA ILE A 243 -9.82 1.85 -16.74
C ILE A 243 -9.52 1.31 -18.14
N ILE A 244 -9.09 0.03 -18.22
CA ILE A 244 -8.73 -0.66 -19.47
C ILE A 244 -9.88 -0.76 -20.49
N LYS A 245 -11.14 -0.74 -20.00
CA LYS A 245 -12.37 -0.79 -20.77
C LYS A 245 -12.98 0.61 -21.04
N LEU A 246 -12.35 1.69 -20.48
CA LEU A 246 -12.79 3.09 -20.57
C LEU A 246 -14.24 3.22 -20.11
N GLU A 247 -14.54 2.49 -19.02
CA GLU A 247 -15.84 2.38 -18.41
C GLU A 247 -16.10 3.48 -17.37
N TYR A 248 -16.53 4.64 -17.85
CA TYR A 248 -16.91 5.77 -17.00
C TYR A 248 -18.08 6.51 -17.63
N ASP A 249 -18.84 7.23 -16.81
CA ASP A 249 -19.99 7.96 -17.28
C ASP A 249 -19.99 9.38 -16.80
N PHE A 250 -20.53 10.28 -17.62
CA PHE A 250 -20.61 11.69 -17.26
C PHE A 250 -21.95 12.02 -16.62
N PRO A 251 -21.95 12.79 -15.52
CA PRO A 251 -23.23 13.24 -14.95
C PRO A 251 -23.85 14.30 -15.87
N GLU A 252 -25.18 14.48 -15.78
CA GLU A 252 -25.93 15.44 -16.61
C GLU A 252 -25.43 16.88 -16.44
N LYS A 253 -25.20 17.30 -15.18
CA LYS A 253 -24.75 18.64 -14.75
C LYS A 253 -23.44 19.12 -15.41
N PHE A 254 -22.46 18.19 -15.60
CA PHE A 254 -21.12 18.40 -16.16
C PHE A 254 -21.00 19.47 -17.26
N PHE A 255 -20.07 20.45 -17.09
CA PHE A 255 -19.87 21.53 -18.06
C PHE A 255 -19.51 20.99 -19.44
N PRO A 256 -20.24 21.41 -20.50
CA PRO A 256 -20.00 20.89 -21.85
C PRO A 256 -18.57 21.00 -22.38
N LYS A 257 -17.87 22.13 -22.10
CA LYS A 257 -16.48 22.31 -22.57
C LYS A 257 -15.49 21.46 -21.78
N ALA A 258 -15.73 21.30 -20.44
CA ALA A 258 -14.91 20.48 -19.54
C ALA A 258 -15.09 19.01 -19.91
N ARG A 259 -16.33 18.60 -20.27
CA ARG A 259 -16.62 17.24 -20.70
C ARG A 259 -15.87 16.88 -22.00
N ASP A 260 -15.79 17.84 -22.95
CA ASP A 260 -15.10 17.69 -24.23
C ASP A 260 -13.62 17.47 -23.99
N LEU A 261 -13.02 18.28 -23.11
CA LEU A 261 -11.60 18.20 -22.70
C LEU A 261 -11.29 16.83 -22.09
N VAL A 262 -12.12 16.38 -21.12
CA VAL A 262 -11.99 15.09 -20.44
C VAL A 262 -12.04 13.92 -21.44
N GLU A 263 -12.94 13.96 -22.45
CA GLU A 263 -13.04 12.95 -23.51
C GLU A 263 -11.79 12.94 -24.40
N LYS A 264 -11.09 14.10 -24.53
CA LYS A 264 -9.85 14.29 -25.31
C LYS A 264 -8.58 13.91 -24.54
N LEU A 265 -8.70 13.71 -23.21
CA LEU A 265 -7.61 13.30 -22.31
C LEU A 265 -7.75 11.83 -21.92
N LEU A 266 -8.96 11.39 -21.60
CA LEU A 266 -9.23 9.99 -21.23
C LEU A 266 -9.49 9.18 -22.51
N VAL A 267 -8.40 8.93 -23.24
CA VAL A 267 -8.29 8.18 -24.51
C VAL A 267 -7.36 6.97 -24.24
N LEU A 268 -7.78 5.73 -24.61
CA LEU A 268 -6.95 4.52 -24.40
C LEU A 268 -5.56 4.61 -25.04
N ASP A 269 -5.49 5.07 -26.32
CA ASP A 269 -4.25 5.30 -27.08
C ASP A 269 -3.58 6.58 -26.58
N ALA A 270 -2.40 6.42 -25.96
CA ALA A 270 -1.60 7.49 -25.37
C ALA A 270 -1.03 8.49 -26.39
N THR A 271 -1.07 8.16 -27.69
CA THR A 271 -0.57 9.03 -28.77
C THR A 271 -1.70 9.90 -29.35
N LYS A 272 -2.91 9.77 -28.82
CA LYS A 272 -4.11 10.49 -29.26
C LYS A 272 -4.68 11.39 -28.15
N ARG A 273 -3.93 11.60 -27.04
CA ARG A 273 -4.36 12.45 -25.92
C ARG A 273 -3.98 13.90 -26.18
N LEU A 274 -4.94 14.80 -25.99
CA LEU A 274 -4.70 16.23 -26.19
C LEU A 274 -3.55 16.71 -25.31
N GLY A 275 -2.48 17.18 -25.93
CA GLY A 275 -1.31 17.69 -25.22
C GLY A 275 -0.02 16.92 -25.47
N CYS A 276 -0.09 15.69 -25.99
CA CYS A 276 1.12 14.91 -26.23
C CYS A 276 1.87 15.32 -27.50
N GLU A 277 3.12 14.84 -27.63
CA GLU A 277 4.07 15.12 -28.73
C GLU A 277 3.45 14.85 -30.10
N GLU A 278 2.83 13.66 -30.25
CA GLU A 278 2.17 13.17 -31.46
C GLU A 278 1.00 14.01 -31.86
N MET A 279 0.44 14.73 -30.88
CA MET A 279 -0.73 15.58 -31.00
C MET A 279 -0.35 17.06 -31.11
N GLU A 280 0.95 17.34 -31.31
CA GLU A 280 1.55 18.67 -31.49
C GLU A 280 1.82 19.50 -30.20
N GLY A 281 1.77 18.81 -29.06
CA GLY A 281 2.12 19.37 -27.76
C GLY A 281 1.11 20.20 -27.01
N TYR A 282 1.63 21.00 -26.08
CA TYR A 282 0.89 21.86 -25.16
C TYR A 282 0.00 22.94 -25.76
N GLY A 283 0.45 23.59 -26.83
CA GLY A 283 -0.28 24.63 -27.54
C GLY A 283 -1.73 24.28 -27.82
N PRO A 284 -2.04 23.21 -28.60
CA PRO A 284 -3.46 22.85 -28.83
C PRO A 284 -4.27 22.55 -27.55
N LEU A 285 -3.62 22.02 -26.48
CA LEU A 285 -4.25 21.78 -25.18
C LEU A 285 -4.61 23.12 -24.53
N LYS A 286 -3.67 24.08 -24.51
CA LYS A 286 -3.87 25.44 -23.99
C LYS A 286 -4.94 26.18 -24.80
N ALA A 287 -5.07 25.84 -26.10
CA ALA A 287 -6.02 26.40 -27.06
C ALA A 287 -7.45 25.85 -26.95
N HIS A 288 -7.65 24.74 -26.23
CA HIS A 288 -8.96 24.11 -26.06
C HIS A 288 -9.98 25.12 -25.56
N PRO A 289 -11.20 25.13 -26.16
CA PRO A 289 -12.25 26.08 -25.71
C PRO A 289 -12.48 26.23 -24.18
N PHE A 290 -12.20 25.18 -23.35
CA PHE A 290 -12.36 25.22 -21.89
C PHE A 290 -11.50 26.31 -21.26
N PHE A 291 -10.33 26.57 -21.84
CA PHE A 291 -9.42 27.58 -21.35
C PHE A 291 -9.62 28.97 -21.96
N GLU A 292 -10.75 29.20 -22.66
CA GLU A 292 -11.00 30.53 -23.21
C GLU A 292 -11.05 31.53 -22.05
N SER A 293 -10.21 32.60 -22.15
CA SER A 293 -10.01 33.71 -21.21
C SER A 293 -8.77 33.54 -20.32
N VAL A 294 -8.16 32.34 -20.33
CA VAL A 294 -6.94 32.06 -19.58
C VAL A 294 -5.78 32.76 -20.27
N THR A 295 -5.05 33.58 -19.51
CA THR A 295 -3.82 34.22 -19.95
C THR A 295 -2.73 33.29 -19.39
N TRP A 296 -2.18 32.44 -20.27
CA TRP A 296 -1.15 31.45 -19.90
C TRP A 296 0.12 32.00 -19.28
N GLU A 297 0.49 33.22 -19.67
CA GLU A 297 1.69 33.88 -19.20
C GLU A 297 1.47 34.48 -17.83
N ASN A 298 2.30 34.04 -16.89
CA ASN A 298 2.29 34.49 -15.50
C ASN A 298 0.93 34.31 -14.78
N LEU A 299 0.44 33.06 -14.75
CA LEU A 299 -0.77 32.64 -14.03
C LEU A 299 -0.54 32.79 -12.52
N HIS A 300 0.72 32.61 -12.07
CA HIS A 300 1.15 32.72 -10.66
C HIS A 300 1.16 34.16 -10.14
N GLN A 301 0.92 35.13 -11.02
CA GLN A 301 0.86 36.56 -10.74
C GLN A 301 -0.58 37.05 -10.73
N GLN A 302 -1.52 36.16 -11.13
CA GLN A 302 -2.96 36.41 -11.19
C GLN A 302 -3.63 36.02 -9.90
N THR A 303 -4.64 36.76 -9.47
CA THR A 303 -5.34 36.42 -8.24
C THR A 303 -6.29 35.23 -8.49
N PRO A 304 -6.13 34.11 -7.73
CA PRO A 304 -7.01 32.96 -7.95
C PRO A 304 -8.45 33.26 -7.55
N PRO A 305 -9.48 32.65 -8.17
CA PRO A 305 -10.86 32.96 -7.73
C PRO A 305 -11.18 32.33 -6.36
N LYS A 306 -12.15 32.87 -5.60
CA LYS A 306 -12.50 32.25 -4.32
C LYS A 306 -13.15 30.89 -4.66
N LEU A 307 -12.72 29.78 -4.02
CA LEU A 307 -13.28 28.44 -4.32
C LEU A 307 -14.80 28.34 -4.05
N THR A 308 -15.59 28.21 -5.15
CA THR A 308 -17.05 28.16 -5.04
C THR A 308 -17.63 26.88 -5.61
N ALA A 309 -18.68 26.38 -4.93
CA ALA A 309 -19.38 25.17 -5.31
C ALA A 309 -20.36 25.41 -6.46
N TYR A 310 -20.70 24.33 -7.17
CA TYR A 310 -21.67 24.32 -8.25
C TYR A 310 -22.71 23.24 -7.91
N LEU A 311 -23.96 23.66 -7.62
CA LEU A 311 -25.03 22.74 -7.18
C LEU A 311 -26.06 22.29 -8.23
N LYS B 25 -2.32 -2.57 33.88
CA LYS B 25 -1.40 -2.65 35.02
C LYS B 25 0.06 -2.32 34.68
N LYS B 26 0.54 -2.72 33.48
CA LYS B 26 1.93 -2.48 33.08
C LYS B 26 2.17 -1.01 32.64
N ARG B 27 3.45 -0.63 32.49
CA ARG B 27 3.88 0.72 32.15
C ARG B 27 5.19 0.60 31.32
N PRO B 28 5.57 1.56 30.42
CA PRO B 28 6.83 1.40 29.66
C PRO B 28 8.15 1.29 30.47
N GLU B 29 8.15 1.67 31.78
CA GLU B 29 9.31 1.58 32.67
C GLU B 29 9.65 0.12 32.99
N ASP B 30 8.63 -0.72 33.22
CA ASP B 30 8.77 -2.15 33.56
C ASP B 30 9.44 -2.97 32.45
N PHE B 31 9.96 -2.28 31.40
CA PHE B 31 10.56 -2.89 30.22
C PHE B 31 11.81 -2.22 29.71
N LYS B 32 12.69 -3.02 29.08
CA LYS B 32 13.88 -2.56 28.39
C LYS B 32 13.63 -2.83 26.92
N PHE B 33 13.41 -1.77 26.14
CA PHE B 33 13.10 -1.87 24.72
C PHE B 33 14.34 -2.07 23.87
N GLY B 34 14.46 -3.28 23.33
CA GLY B 34 15.58 -3.70 22.50
C GLY B 34 15.38 -3.47 21.02
N LYS B 35 15.72 -4.49 20.22
CA LYS B 35 15.66 -4.46 18.76
C LYS B 35 14.25 -4.33 18.19
N ILE B 36 14.14 -3.79 16.96
CA ILE B 36 12.89 -3.68 16.21
C ILE B 36 12.82 -5.00 15.44
N LEU B 37 11.72 -5.76 15.65
CA LEU B 37 11.47 -7.06 15.03
C LEU B 37 10.77 -6.92 13.67
N GLY B 38 9.77 -6.04 13.61
CA GLY B 38 8.99 -5.79 12.41
C GLY B 38 8.28 -4.45 12.41
N GLU B 39 7.86 -4.01 11.22
CA GLU B 39 7.13 -2.77 11.05
C GLU B 39 5.88 -2.95 10.21
N GLY B 40 4.76 -2.48 10.76
CA GLY B 40 3.45 -2.54 10.15
C GLY B 40 3.12 -1.26 9.40
N SER B 41 1.86 -1.14 8.93
CA SER B 41 1.32 0.00 8.19
C SER B 41 1.26 1.27 9.06
N PHE B 42 1.05 1.07 10.38
CA PHE B 42 0.92 2.11 11.40
C PHE B 42 1.50 1.63 12.74
N SER B 43 2.13 0.45 12.74
CA SER B 43 2.69 -0.18 13.94
C SER B 43 4.20 -0.52 13.87
N THR B 44 4.80 -0.79 15.04
CA THR B 44 6.18 -1.22 15.22
C THR B 44 6.23 -2.25 16.35
N VAL B 45 6.73 -3.45 16.03
CA VAL B 45 6.88 -4.55 16.97
C VAL B 45 8.33 -4.53 17.46
N VAL B 46 8.51 -4.22 18.75
CA VAL B 46 9.83 -4.08 19.38
C VAL B 46 10.00 -5.19 20.40
N LEU B 47 11.18 -5.84 20.41
CA LEU B 47 11.50 -6.84 21.42
C LEU B 47 11.82 -6.07 22.73
N ALA B 48 11.23 -6.51 23.85
CA ALA B 48 11.45 -5.87 25.15
C ALA B 48 11.54 -6.88 26.27
N ARG B 49 12.28 -6.55 27.34
CA ARG B 49 12.46 -7.42 28.53
C ARG B 49 11.74 -6.86 29.76
N GLU B 50 10.87 -7.69 30.40
CA GLU B 50 10.16 -7.34 31.63
C GLU B 50 11.19 -7.43 32.75
N LEU B 51 11.74 -6.27 33.18
CA LEU B 51 12.79 -6.16 34.20
C LEU B 51 12.57 -7.07 35.43
N ALA B 52 11.37 -7.01 36.04
CA ALA B 52 10.97 -7.78 37.23
C ALA B 52 11.08 -9.31 37.10
N THR B 53 10.75 -9.87 35.91
CA THR B 53 10.77 -11.32 35.68
C THR B 53 11.76 -11.81 34.60
N SER B 54 12.53 -10.87 33.99
CA SER B 54 13.51 -11.11 32.92
C SER B 54 12.89 -11.73 31.64
N ARG B 55 11.53 -11.75 31.55
CA ARG B 55 10.73 -12.29 30.44
C ARG B 55 10.86 -11.50 29.13
N GLU B 56 10.79 -12.21 27.97
CA GLU B 56 10.89 -11.63 26.63
C GLU B 56 9.53 -11.54 25.92
N TYR B 57 9.08 -10.30 25.64
CA TYR B 57 7.84 -10.03 24.93
C TYR B 57 8.10 -9.22 23.66
N ALA B 58 7.23 -9.39 22.66
CA ALA B 58 7.26 -8.64 21.42
C ALA B 58 6.15 -7.59 21.61
N ILE B 59 6.54 -6.35 21.96
CA ILE B 59 5.59 -5.25 22.22
C ILE B 59 5.21 -4.54 20.91
N LYS B 60 3.91 -4.56 20.56
CA LYS B 60 3.40 -3.85 19.37
C LYS B 60 3.15 -2.40 19.82
N ILE B 61 3.83 -1.45 19.16
CA ILE B 61 3.72 -0.05 19.52
C ILE B 61 3.06 0.76 18.40
N LEU B 62 1.99 1.50 18.75
CA LEU B 62 1.21 2.33 17.82
C LEU B 62 1.12 3.76 18.36
N GLU B 63 1.29 4.76 17.48
CA GLU B 63 1.16 6.16 17.87
C GLU B 63 -0.31 6.53 17.87
N LYS B 64 -0.81 6.98 19.03
CA LYS B 64 -2.22 7.35 19.23
C LYS B 64 -2.70 8.37 18.21
N ARG B 65 -1.93 9.46 18.01
CA ARG B 65 -2.26 10.51 17.05
C ARG B 65 -2.42 10.03 15.60
N HIS B 66 -1.55 9.12 15.14
CA HIS B 66 -1.62 8.55 13.79
C HIS B 66 -2.82 7.58 13.66
N ILE B 67 -3.16 6.86 14.75
CA ILE B 67 -4.30 5.95 14.83
C ILE B 67 -5.60 6.77 14.82
N ILE B 68 -5.54 8.00 15.33
CA ILE B 68 -6.68 8.92 15.35
C ILE B 68 -6.83 9.71 14.02
N LYS B 69 -5.71 10.30 13.50
CA LYS B 69 -5.69 11.12 12.29
C LYS B 69 -6.17 10.35 11.05
N GLU B 70 -5.69 9.10 10.88
CA GLU B 70 -6.04 8.24 9.74
C GLU B 70 -7.21 7.31 10.07
N ASN B 71 -7.72 7.40 11.30
CA ASN B 71 -8.80 6.59 11.88
C ASN B 71 -8.66 5.09 11.65
N LYS B 72 -7.57 4.55 12.21
CA LYS B 72 -7.22 3.13 12.14
C LYS B 72 -7.63 2.40 13.44
N VAL B 73 -8.51 3.06 14.23
CA VAL B 73 -9.08 2.56 15.49
C VAL B 73 -9.87 1.23 15.26
N PRO B 74 -10.74 1.07 14.21
CA PRO B 74 -11.41 -0.23 14.02
C PRO B 74 -10.46 -1.40 13.78
N TYR B 75 -9.29 -1.14 13.13
CA TYR B 75 -8.22 -2.12 12.87
C TYR B 75 -7.58 -2.54 14.19
N VAL B 76 -7.43 -1.58 15.14
CA VAL B 76 -6.86 -1.80 16.48
C VAL B 76 -7.84 -2.65 17.31
N THR B 77 -9.14 -2.27 17.30
CA THR B 77 -10.22 -2.96 17.99
C THR B 77 -10.37 -4.41 17.48
N ARG B 78 -10.30 -4.61 16.15
CA ARG B 78 -10.36 -5.92 15.49
C ARG B 78 -9.22 -6.81 15.99
N GLU B 79 -7.95 -6.34 15.87
CA GLU B 79 -6.76 -7.05 16.31
C GLU B 79 -6.84 -7.36 17.81
N ARG B 80 -7.24 -6.37 18.65
CA ARG B 80 -7.37 -6.51 20.11
C ARG B 80 -8.39 -7.58 20.51
N ASP B 81 -9.55 -7.65 19.83
CA ASP B 81 -10.57 -8.64 20.17
C ASP B 81 -10.42 -10.02 19.51
N VAL B 82 -9.71 -10.10 18.36
CA VAL B 82 -9.47 -11.38 17.66
C VAL B 82 -8.42 -12.19 18.42
N MET B 83 -7.37 -11.53 18.93
CA MET B 83 -6.32 -12.18 19.72
C MET B 83 -6.86 -12.68 21.06
N SER B 84 -7.89 -11.97 21.59
CA SER B 84 -8.60 -12.28 22.83
C SER B 84 -9.34 -13.61 22.70
N ARG B 85 -9.98 -13.83 21.53
CA ARG B 85 -10.75 -15.04 21.21
C ARG B 85 -9.85 -16.27 21.03
N LEU B 86 -8.67 -16.07 20.41
CA LEU B 86 -7.72 -17.14 20.10
C LEU B 86 -6.85 -17.53 21.30
N ASP B 87 -6.63 -18.85 21.43
CA ASP B 87 -5.77 -19.50 22.43
C ASP B 87 -5.43 -20.91 21.93
N HIS B 88 -4.43 -20.95 21.03
CA HIS B 88 -3.91 -22.13 20.36
C HIS B 88 -2.38 -21.99 20.30
N PRO B 89 -1.60 -23.10 20.28
CA PRO B 89 -0.12 -22.95 20.23
C PRO B 89 0.39 -22.28 18.96
N PHE B 90 -0.33 -22.45 17.83
CA PHE B 90 0.06 -21.90 16.51
C PHE B 90 -0.31 -20.43 16.26
N PHE B 91 -0.75 -19.73 17.31
CA PHE B 91 -1.11 -18.33 17.19
C PHE B 91 -0.37 -17.46 18.18
N VAL B 92 0.04 -16.27 17.74
CA VAL B 92 0.69 -15.28 18.59
C VAL B 92 -0.41 -14.85 19.57
N LYS B 93 -0.10 -14.83 20.87
CA LYS B 93 -1.07 -14.48 21.89
C LYS B 93 -0.85 -13.07 22.46
N LEU B 94 -1.93 -12.43 22.91
CA LEU B 94 -1.89 -11.10 23.50
C LEU B 94 -1.97 -11.29 25.02
N TYR B 95 -0.88 -10.92 25.71
CA TYR B 95 -0.74 -11.10 27.16
C TYR B 95 -1.23 -9.91 27.97
N PHE B 96 -0.86 -8.70 27.56
CA PHE B 96 -1.22 -7.47 28.25
C PHE B 96 -1.30 -6.26 27.31
N THR B 97 -2.02 -5.22 27.76
CA THR B 97 -2.17 -3.96 27.04
C THR B 97 -1.99 -2.80 28.02
N PHE B 98 -1.40 -1.70 27.54
CA PHE B 98 -1.23 -0.46 28.29
C PHE B 98 -0.97 0.68 27.33
N GLN B 99 -1.03 1.92 27.85
CA GLN B 99 -0.80 3.11 27.04
C GLN B 99 -0.24 4.24 27.89
N ASP B 100 0.40 5.20 27.21
CA ASP B 100 0.92 6.42 27.82
C ASP B 100 0.30 7.60 27.07
N ASP B 101 0.83 8.82 27.24
CA ASP B 101 0.33 10.03 26.57
C ASP B 101 0.48 9.96 25.04
N GLU B 102 1.55 9.30 24.55
CA GLU B 102 1.87 9.24 23.12
C GLU B 102 1.58 7.92 22.40
N LYS B 103 1.73 6.78 23.09
CA LYS B 103 1.62 5.46 22.46
C LYS B 103 0.68 4.46 23.12
N LEU B 104 0.29 3.43 22.35
CA LEU B 104 -0.54 2.28 22.73
C LEU B 104 0.40 1.06 22.62
N TYR B 105 0.45 0.24 23.68
CA TYR B 105 1.35 -0.91 23.75
C TYR B 105 0.61 -2.24 23.89
N PHE B 106 1.01 -3.25 23.10
CA PHE B 106 0.46 -4.62 23.08
C PHE B 106 1.55 -5.68 23.35
N GLY B 107 1.45 -6.34 24.49
CA GLY B 107 2.37 -7.40 24.90
C GLY B 107 2.00 -8.71 24.25
N LEU B 108 2.78 -9.11 23.23
CA LEU B 108 2.55 -10.33 22.44
C LEU B 108 3.63 -11.39 22.67
N SER B 109 3.39 -12.58 22.11
CA SER B 109 4.33 -13.71 22.15
C SER B 109 5.56 -13.31 21.37
N TYR B 110 6.74 -13.77 21.80
CA TYR B 110 7.97 -13.52 21.06
C TYR B 110 8.33 -14.78 20.29
N ALA B 111 8.39 -14.66 18.95
CA ALA B 111 8.74 -15.74 18.03
C ALA B 111 10.16 -15.43 17.55
N LYS B 112 11.14 -15.87 18.36
CA LYS B 112 12.58 -15.60 18.16
C LYS B 112 13.19 -15.88 16.81
N ASN B 113 12.64 -16.85 16.06
CA ASN B 113 13.19 -17.23 14.76
C ASN B 113 12.70 -16.45 13.54
N GLY B 114 11.90 -15.40 13.77
CA GLY B 114 11.40 -14.55 12.69
C GLY B 114 10.37 -15.19 11.79
N GLU B 115 10.26 -14.66 10.55
CA GLU B 115 9.27 -15.04 9.53
C GLU B 115 9.63 -16.30 8.75
N LEU B 116 8.61 -17.08 8.34
CA LEU B 116 8.79 -18.25 7.49
C LEU B 116 9.38 -17.82 6.12
N LEU B 117 9.11 -16.56 5.69
CA LEU B 117 9.61 -15.97 4.45
C LEU B 117 11.14 -15.87 4.45
N LYS B 118 11.74 -15.62 5.62
CA LYS B 118 13.20 -15.53 5.79
C LYS B 118 13.84 -16.86 5.38
N TYR B 119 13.19 -17.99 5.70
CA TYR B 119 13.66 -19.34 5.41
C TYR B 119 13.44 -19.72 3.96
N ILE B 120 12.27 -19.36 3.38
CA ILE B 120 11.95 -19.59 1.96
C ILE B 120 13.02 -18.85 1.13
N ARG B 121 13.45 -17.65 1.59
CA ARG B 121 14.49 -16.84 0.95
C ARG B 121 15.91 -17.41 1.09
N LYS B 122 16.34 -17.75 2.32
CA LYS B 122 17.68 -18.27 2.55
C LYS B 122 17.96 -19.68 2.00
N ILE B 123 16.96 -20.59 2.04
CA ILE B 123 17.15 -21.95 1.56
C ILE B 123 16.56 -22.29 0.18
N GLY B 124 15.54 -21.56 -0.24
CA GLY B 124 14.86 -21.80 -1.50
C GLY B 124 13.88 -22.95 -1.38
N SER B 125 13.90 -23.87 -2.35
CA SER B 125 13.04 -25.05 -2.39
C SER B 125 13.22 -25.90 -1.13
N PHE B 126 12.11 -26.36 -0.52
CA PHE B 126 12.08 -27.18 0.69
C PHE B 126 11.89 -28.66 0.33
N ASP B 127 12.36 -29.59 1.21
CA ASP B 127 12.19 -31.04 0.98
C ASP B 127 10.79 -31.49 1.39
N GLU B 128 10.34 -32.69 0.92
CA GLU B 128 9.00 -33.22 1.18
C GLU B 128 8.65 -33.30 2.67
N THR B 129 9.63 -33.68 3.53
CA THR B 129 9.49 -33.79 4.99
C THR B 129 9.23 -32.43 5.64
N CYS B 130 10.02 -31.41 5.26
CA CYS B 130 9.88 -30.04 5.75
C CYS B 130 8.57 -29.45 5.25
N THR B 131 8.29 -29.57 3.94
CA THR B 131 7.05 -29.10 3.33
C THR B 131 5.83 -29.67 4.07
N ARG B 132 5.80 -31.02 4.28
CA ARG B 132 4.75 -31.76 4.98
C ARG B 132 4.50 -31.24 6.39
N PHE B 133 5.55 -31.16 7.24
CA PHE B 133 5.41 -30.70 8.63
C PHE B 133 4.80 -29.30 8.71
N TYR B 134 5.41 -28.34 8.00
CA TYR B 134 4.94 -26.96 8.02
C TYR B 134 3.54 -26.73 7.44
N THR B 135 3.19 -27.41 6.33
CA THR B 135 1.85 -27.36 5.75
C THR B 135 0.81 -27.83 6.78
N ALA B 136 1.09 -28.98 7.43
CA ALA B 136 0.24 -29.59 8.46
C ALA B 136 0.03 -28.65 9.64
N GLU B 137 1.09 -27.90 10.03
CA GLU B 137 1.04 -26.92 11.10
C GLU B 137 0.09 -25.78 10.74
N ILE B 138 0.09 -25.35 9.46
CA ILE B 138 -0.76 -24.30 8.91
C ILE B 138 -2.21 -24.80 8.81
N VAL B 139 -2.39 -26.09 8.41
CA VAL B 139 -3.72 -26.70 8.32
C VAL B 139 -4.38 -26.77 9.71
N SER B 140 -3.67 -27.29 10.72
CA SER B 140 -4.17 -27.41 12.10
C SER B 140 -4.49 -26.04 12.75
N ALA B 141 -3.77 -24.99 12.34
CA ALA B 141 -3.97 -23.61 12.82
C ALA B 141 -5.23 -23.01 12.16
N LEU B 142 -5.38 -23.20 10.84
CA LEU B 142 -6.52 -22.71 10.06
C LEU B 142 -7.81 -23.37 10.52
N GLU B 143 -7.72 -24.61 11.02
CA GLU B 143 -8.85 -25.37 11.54
C GLU B 143 -9.37 -24.67 12.78
N TYR B 144 -8.47 -24.38 13.75
CA TYR B 144 -8.84 -23.67 14.97
C TYR B 144 -9.49 -22.32 14.63
N LEU B 145 -8.85 -21.55 13.69
CA LEU B 145 -9.27 -20.23 13.20
C LEU B 145 -10.65 -20.30 12.56
N HIS B 146 -10.83 -21.20 11.56
CA HIS B 146 -12.10 -21.35 10.87
C HIS B 146 -13.23 -21.90 11.75
N GLY B 147 -12.87 -22.76 12.70
CA GLY B 147 -13.82 -23.30 13.68
C GLY B 147 -14.33 -22.22 14.60
N LYS B 148 -13.45 -21.27 14.98
CA LYS B 148 -13.75 -20.12 15.84
C LYS B 148 -14.42 -18.97 15.03
N GLY B 149 -14.85 -19.27 13.80
CA GLY B 149 -15.54 -18.39 12.87
C GLY B 149 -14.80 -17.12 12.50
N ILE B 150 -13.47 -17.24 12.29
CA ILE B 150 -12.56 -16.14 11.95
C ILE B 150 -11.80 -16.47 10.66
N ILE B 151 -11.74 -15.53 9.71
CA ILE B 151 -11.02 -15.65 8.45
C ILE B 151 -9.83 -14.72 8.54
N HIS B 152 -8.65 -15.18 8.10
CA HIS B 152 -7.43 -14.38 8.16
C HIS B 152 -7.43 -13.22 7.17
N ARG B 153 -7.75 -13.52 5.90
CA ARG B 153 -7.85 -12.58 4.77
C ARG B 153 -6.53 -12.11 4.18
N ASP B 154 -5.42 -12.34 4.90
CA ASP B 154 -4.08 -11.95 4.47
C ASP B 154 -3.01 -12.97 4.96
N LEU B 155 -3.28 -14.28 4.77
CA LEU B 155 -2.36 -15.35 5.16
C LEU B 155 -1.22 -15.48 4.13
N LYS B 156 -0.01 -15.16 4.57
CA LYS B 156 1.22 -15.16 3.77
C LYS B 156 2.45 -15.56 4.62
N PRO B 157 3.54 -16.08 3.99
CA PRO B 157 4.75 -16.46 4.75
C PRO B 157 5.36 -15.41 5.68
N GLU B 158 5.15 -14.13 5.37
CA GLU B 158 5.63 -12.98 6.15
C GLU B 158 4.86 -12.89 7.49
N ASN B 159 3.62 -13.42 7.50
CA ASN B 159 2.69 -13.45 8.65
C ASN B 159 2.82 -14.73 9.50
N ILE B 160 3.48 -15.77 8.95
CA ILE B 160 3.74 -17.04 9.63
C ILE B 160 5.11 -16.91 10.26
N LEU B 161 5.16 -16.77 11.58
CA LEU B 161 6.42 -16.64 12.32
C LEU B 161 6.85 -17.98 12.94
N LEU B 162 8.10 -18.06 13.42
CA LEU B 162 8.65 -19.28 14.04
C LEU B 162 9.26 -18.95 15.40
N ASN B 163 8.92 -19.74 16.44
CA ASN B 163 9.47 -19.53 17.78
C ASN B 163 10.83 -20.23 17.96
N GLU B 164 11.40 -20.22 19.19
CA GLU B 164 12.67 -20.86 19.54
C GLU B 164 12.69 -22.37 19.19
N ASP B 165 11.55 -23.07 19.44
CA ASP B 165 11.37 -24.50 19.18
C ASP B 165 11.02 -24.82 17.72
N MET B 166 11.09 -23.79 16.82
CA MET B 166 10.80 -23.84 15.38
C MET B 166 9.36 -24.19 14.98
N HIS B 167 8.42 -23.87 15.88
CA HIS B 167 6.98 -24.09 15.65
C HIS B 167 6.35 -22.79 15.12
N ILE B 168 5.35 -22.93 14.24
CA ILE B 168 4.64 -21.78 13.65
C ILE B 168 3.86 -20.96 14.69
N GLN B 169 3.85 -19.64 14.50
CA GLN B 169 3.10 -18.69 15.33
C GLN B 169 2.50 -17.64 14.38
N ILE B 170 1.26 -17.91 13.89
CA ILE B 170 0.52 -17.05 12.97
C ILE B 170 0.11 -15.75 13.65
N THR B 171 0.40 -14.62 12.99
CA THR B 171 0.09 -13.27 13.48
C THR B 171 -0.60 -12.36 12.44
N ASP B 172 -0.89 -11.08 12.81
CA ASP B 172 -1.51 -10.01 12.00
C ASP B 172 -3.00 -10.22 11.72
N PHE B 173 -3.80 -9.92 12.75
CA PHE B 173 -5.26 -10.06 12.72
C PHE B 173 -6.01 -8.72 12.66
N GLY B 174 -5.28 -7.67 12.27
CA GLY B 174 -5.82 -6.31 12.13
C GLY B 174 -6.77 -6.20 10.96
N THR B 175 -6.55 -7.04 9.94
CA THR B 175 -7.29 -7.15 8.69
C THR B 175 -8.16 -8.43 8.62
N ALA B 176 -8.30 -9.16 9.76
CA ALA B 176 -9.09 -10.38 9.86
C ALA B 176 -10.60 -10.10 9.82
N LYS B 177 -11.41 -11.14 9.47
CA LYS B 177 -12.87 -11.08 9.37
C LYS B 177 -13.56 -12.06 10.35
N VAL B 178 -14.32 -11.53 11.33
CA VAL B 178 -15.09 -12.36 12.29
C VAL B 178 -16.43 -12.66 11.60
N LEU B 179 -16.60 -13.91 11.14
CA LEU B 179 -17.77 -14.37 10.39
C LEU B 179 -19.18 -14.24 11.00
N SER B 180 -19.29 -14.05 12.34
CA SER B 180 -20.56 -13.88 13.09
C SER B 180 -21.51 -15.08 13.00
N ASN B 189 -18.03 -7.45 1.88
CA ASN B 189 -17.17 -6.62 1.03
C ASN B 189 -16.32 -5.63 1.84
N PHE B 191 -11.75 -5.40 2.51
CA PHE B 191 -10.30 -5.49 2.35
C PHE B 191 -9.70 -5.71 0.93
N VAL B 192 -8.96 -6.83 0.72
CA VAL B 192 -8.17 -7.34 -0.42
C VAL B 192 -6.70 -7.37 0.02
N GLY B 193 -6.21 -8.55 0.40
CA GLY B 193 -4.87 -8.78 0.90
C GLY B 193 -3.74 -8.61 -0.11
N THR B 194 -2.54 -9.15 0.23
CA THR B 194 -1.34 -9.12 -0.63
C THR B 194 -1.67 -9.82 -1.95
N ALA B 195 -1.46 -9.12 -3.08
CA ALA B 195 -1.74 -9.54 -4.45
C ALA B 195 -1.36 -10.98 -4.81
N GLN B 196 -0.20 -11.46 -4.34
CA GLN B 196 0.27 -12.80 -4.66
C GLN B 196 -0.54 -13.97 -4.06
N TYR B 197 -1.27 -13.73 -2.95
CA TYR B 197 -2.06 -14.74 -2.22
C TYR B 197 -3.60 -14.48 -2.20
N VAL B 198 -4.12 -13.55 -3.03
CA VAL B 198 -5.56 -13.22 -3.09
C VAL B 198 -6.33 -14.20 -3.97
N SER B 199 -7.43 -14.73 -3.42
CA SER B 199 -8.38 -15.62 -4.09
C SER B 199 -9.20 -14.82 -5.12
N PRO B 200 -9.72 -15.45 -6.21
CA PRO B 200 -10.45 -14.67 -7.23
C PRO B 200 -11.83 -14.16 -6.80
N GLU B 201 -12.41 -14.72 -5.72
CA GLU B 201 -13.70 -14.30 -5.20
C GLU B 201 -13.60 -12.98 -4.42
N LEU B 202 -12.40 -12.71 -3.87
CA LEU B 202 -12.14 -11.49 -3.12
C LEU B 202 -11.83 -10.37 -4.14
N LEU B 203 -11.34 -10.76 -5.34
CA LEU B 203 -11.04 -9.80 -6.40
C LEU B 203 -12.30 -9.35 -7.14
N THR B 204 -13.09 -10.32 -7.63
CA THR B 204 -14.30 -10.12 -8.41
C THR B 204 -15.58 -9.86 -7.62
N GLU B 205 -15.70 -10.42 -6.40
CA GLU B 205 -16.92 -10.25 -5.59
C GLU B 205 -16.75 -9.49 -4.27
N LYS B 206 -15.52 -9.01 -3.95
CA LYS B 206 -15.17 -8.26 -2.72
C LYS B 206 -15.40 -9.04 -1.39
N SER B 207 -16.18 -10.15 -1.44
CA SER B 207 -16.51 -10.98 -0.30
C SER B 207 -15.50 -12.08 -0.03
N ALA B 208 -15.18 -12.28 1.26
CA ALA B 208 -14.24 -13.30 1.73
C ALA B 208 -14.97 -14.35 2.57
N CYS B 209 -14.58 -15.61 2.35
CA CYS B 209 -15.10 -16.81 3.01
C CYS B 209 -13.91 -17.57 3.63
N LYS B 210 -14.17 -18.63 4.44
CA LYS B 210 -13.12 -19.45 5.05
C LYS B 210 -12.23 -20.08 3.95
N SER B 211 -12.84 -20.45 2.81
CA SER B 211 -12.19 -21.02 1.63
C SER B 211 -11.13 -20.10 0.97
N SER B 212 -11.17 -18.77 1.23
CA SER B 212 -10.22 -17.78 0.69
C SER B 212 -8.82 -18.03 1.25
N ASP B 213 -8.74 -18.40 2.54
CA ASP B 213 -7.54 -18.74 3.29
C ASP B 213 -6.93 -20.06 2.78
N LEU B 214 -7.78 -20.98 2.24
CA LEU B 214 -7.36 -22.25 1.63
C LEU B 214 -6.67 -22.00 0.30
N TRP B 215 -7.08 -20.95 -0.43
CA TRP B 215 -6.42 -20.51 -1.67
C TRP B 215 -5.02 -20.00 -1.28
N ALA B 216 -4.95 -19.15 -0.21
CA ALA B 216 -3.70 -18.59 0.34
C ALA B 216 -2.79 -19.75 0.74
N LEU B 217 -3.35 -20.78 1.46
CA LEU B 217 -2.65 -22.02 1.86
C LEU B 217 -2.06 -22.77 0.64
N GLY B 218 -2.82 -22.84 -0.47
CA GLY B 218 -2.38 -23.45 -1.72
C GLY B 218 -1.16 -22.76 -2.30
N CYS B 219 -1.14 -21.41 -2.23
CA CYS B 219 -0.04 -20.57 -2.71
C CYS B 219 1.20 -20.76 -1.82
N ILE B 220 0.98 -20.90 -0.49
CA ILE B 220 2.04 -21.11 0.50
C ILE B 220 2.74 -22.48 0.28
N ILE B 221 1.97 -23.59 0.12
CA ILE B 221 2.50 -24.94 -0.17
C ILE B 221 3.38 -24.89 -1.43
N TYR B 222 2.84 -24.31 -2.53
CA TYR B 222 3.56 -24.13 -3.80
C TYR B 222 4.87 -23.39 -3.54
N GLN B 223 4.82 -22.29 -2.76
CA GLN B 223 5.99 -21.48 -2.44
C GLN B 223 7.05 -22.25 -1.66
N LEU B 224 6.64 -23.19 -0.80
CA LEU B 224 7.61 -23.98 -0.03
C LEU B 224 8.40 -24.92 -0.95
N VAL B 225 7.70 -25.62 -1.86
CA VAL B 225 8.29 -26.53 -2.85
C VAL B 225 9.11 -25.79 -3.93
N ALA B 226 8.51 -24.81 -4.63
CA ALA B 226 9.14 -24.06 -5.72
C ALA B 226 10.13 -22.96 -5.33
N GLY B 227 9.95 -22.36 -4.15
CA GLY B 227 10.80 -21.29 -3.65
C GLY B 227 10.29 -19.90 -4.04
N LEU B 228 9.19 -19.85 -4.82
CA LEU B 228 8.52 -18.65 -5.33
C LEU B 228 7.01 -18.85 -5.31
N PRO B 229 6.19 -17.78 -5.12
CA PRO B 229 4.71 -17.97 -5.10
C PRO B 229 4.18 -18.34 -6.49
N PRO B 230 2.96 -18.93 -6.63
CA PRO B 230 2.51 -19.36 -7.97
C PRO B 230 2.27 -18.30 -9.05
N PHE B 231 1.50 -17.26 -8.71
CA PHE B 231 1.11 -16.18 -9.63
C PHE B 231 2.09 -15.03 -9.50
N ARG B 232 2.88 -14.79 -10.56
CA ARG B 232 3.92 -13.76 -10.61
C ARG B 232 3.82 -12.97 -11.92
N ALA B 233 4.00 -11.62 -11.85
CA ALA B 233 3.94 -10.72 -13.00
C ALA B 233 4.66 -9.37 -12.75
N GLY B 234 4.67 -8.50 -13.76
CA GLY B 234 5.30 -7.18 -13.72
C GLY B 234 4.72 -6.17 -12.75
N ASN B 235 3.41 -6.28 -12.47
CA ASN B 235 2.69 -5.38 -11.55
C ASN B 235 1.48 -6.11 -10.93
N GLU B 236 0.76 -5.45 -10.00
CA GLU B 236 -0.42 -6.03 -9.34
C GLU B 236 -1.58 -6.33 -10.28
N TYR B 237 -1.79 -5.50 -11.33
CA TYR B 237 -2.86 -5.70 -12.32
C TYR B 237 -2.61 -6.98 -13.09
N LEU B 238 -1.38 -7.17 -13.58
CA LEU B 238 -0.97 -8.35 -14.33
C LEU B 238 -0.98 -9.62 -13.47
N ILE B 239 -0.68 -9.50 -12.15
CA ILE B 239 -0.76 -10.59 -11.17
C ILE B 239 -2.24 -10.99 -11.02
N PHE B 240 -3.15 -10.00 -10.85
CA PHE B 240 -4.60 -10.21 -10.73
C PHE B 240 -5.21 -10.94 -11.94
N GLN B 241 -4.73 -10.60 -13.15
CA GLN B 241 -5.18 -11.20 -14.41
C GLN B 241 -4.90 -12.70 -14.43
N LYS B 242 -3.66 -13.11 -14.11
CA LYS B 242 -3.25 -14.51 -14.03
C LYS B 242 -4.07 -15.29 -12.99
N ILE B 243 -4.39 -14.67 -11.85
CA ILE B 243 -5.19 -15.28 -10.79
C ILE B 243 -6.58 -15.64 -11.28
N ILE B 244 -7.32 -14.66 -11.85
CA ILE B 244 -8.66 -14.89 -12.38
C ILE B 244 -8.71 -15.88 -13.57
N LYS B 245 -7.60 -15.95 -14.35
CA LYS B 245 -7.41 -16.84 -15.49
C LYS B 245 -6.84 -18.23 -15.08
N LEU B 246 -6.41 -18.39 -13.80
CA LEU B 246 -5.74 -19.57 -13.21
C LEU B 246 -4.49 -19.92 -14.03
N GLU B 247 -3.70 -18.86 -14.33
CA GLU B 247 -2.48 -18.89 -15.14
C GLU B 247 -1.21 -19.03 -14.28
N TYR B 248 -0.82 -20.29 -14.01
CA TYR B 248 0.38 -20.71 -13.28
C TYR B 248 0.80 -22.10 -13.74
N ASP B 249 2.08 -22.42 -13.57
CA ASP B 249 2.58 -23.73 -13.93
C ASP B 249 3.63 -24.24 -12.96
N PHE B 250 3.49 -25.53 -12.59
CA PHE B 250 4.40 -26.24 -11.69
C PHE B 250 5.71 -26.52 -12.43
N PRO B 251 6.88 -26.43 -11.75
CA PRO B 251 8.13 -26.77 -12.44
C PRO B 251 8.31 -28.28 -12.58
N GLU B 252 9.36 -28.72 -13.33
CA GLU B 252 9.71 -30.12 -13.57
C GLU B 252 9.81 -30.92 -12.26
N LYS B 253 10.58 -30.40 -11.28
CA LYS B 253 10.74 -31.02 -9.98
C LYS B 253 9.70 -30.43 -9.04
N PHE B 254 8.70 -31.25 -8.68
CA PHE B 254 7.60 -30.87 -7.79
C PHE B 254 6.94 -32.13 -7.22
N PHE B 255 6.95 -32.25 -5.87
CA PHE B 255 6.38 -33.39 -5.14
C PHE B 255 4.96 -33.73 -5.60
N PRO B 256 4.78 -34.92 -6.22
CA PRO B 256 3.46 -35.28 -6.78
C PRO B 256 2.26 -35.24 -5.83
N LYS B 257 2.47 -35.60 -4.56
CA LYS B 257 1.39 -35.57 -3.55
C LYS B 257 1.07 -34.10 -3.17
N ALA B 258 2.10 -33.21 -3.24
CA ALA B 258 1.97 -31.77 -3.01
C ALA B 258 1.24 -31.12 -4.21
N ARG B 259 1.68 -31.40 -5.46
CA ARG B 259 1.05 -30.90 -6.69
C ARG B 259 -0.47 -31.21 -6.70
N ASP B 260 -0.84 -32.48 -6.38
CA ASP B 260 -2.23 -32.95 -6.30
C ASP B 260 -3.06 -32.18 -5.24
N LEU B 261 -2.40 -31.75 -4.14
CA LEU B 261 -3.00 -30.99 -3.05
C LEU B 261 -3.15 -29.50 -3.48
N VAL B 262 -2.10 -28.93 -4.14
CA VAL B 262 -2.06 -27.54 -4.64
C VAL B 262 -3.19 -27.33 -5.65
N GLU B 263 -3.41 -28.33 -6.53
CA GLU B 263 -4.49 -28.31 -7.53
C GLU B 263 -5.90 -28.40 -6.90
N LYS B 264 -6.05 -29.09 -5.75
CA LYS B 264 -7.32 -29.22 -5.03
C LYS B 264 -7.61 -27.97 -4.17
N LEU B 265 -6.57 -27.14 -3.98
CA LEU B 265 -6.63 -25.88 -3.23
C LEU B 265 -6.73 -24.68 -4.16
N LEU B 266 -5.95 -24.67 -5.27
CA LEU B 266 -6.00 -23.57 -6.24
C LEU B 266 -7.04 -23.85 -7.30
N VAL B 267 -8.31 -23.80 -6.89
CA VAL B 267 -9.49 -24.00 -7.73
C VAL B 267 -10.23 -22.67 -7.79
N LEU B 268 -10.65 -22.22 -9.00
CA LEU B 268 -11.37 -20.96 -9.14
C LEU B 268 -12.63 -20.91 -8.28
N ASP B 269 -13.45 -21.99 -8.29
CA ASP B 269 -14.66 -22.02 -7.46
C ASP B 269 -14.37 -22.34 -5.99
N ALA B 270 -14.68 -21.35 -5.12
CA ALA B 270 -14.50 -21.37 -3.66
C ALA B 270 -15.26 -22.47 -2.88
N THR B 271 -16.25 -23.14 -3.51
CA THR B 271 -17.01 -24.22 -2.87
C THR B 271 -16.39 -25.59 -3.18
N LYS B 272 -15.54 -25.64 -4.23
CA LYS B 272 -14.86 -26.85 -4.70
C LYS B 272 -13.38 -26.90 -4.25
N ARG B 273 -13.12 -26.48 -3.00
CA ARG B 273 -11.76 -26.46 -2.42
C ARG B 273 -11.68 -27.35 -1.20
N LEU B 274 -10.74 -28.30 -1.22
CA LEU B 274 -10.48 -29.24 -0.15
C LEU B 274 -10.23 -28.49 1.19
N GLY B 275 -11.17 -28.65 2.12
CA GLY B 275 -11.08 -28.00 3.42
C GLY B 275 -12.31 -27.21 3.83
N CYS B 276 -13.05 -26.70 2.83
CA CYS B 276 -14.26 -25.92 3.08
C CYS B 276 -15.44 -26.84 3.39
N GLU B 277 -16.49 -26.31 4.09
CA GLU B 277 -17.70 -27.04 4.49
C GLU B 277 -18.41 -27.76 3.34
N GLU B 278 -18.36 -27.17 2.11
CA GLU B 278 -18.92 -27.73 0.88
C GLU B 278 -18.07 -28.89 0.33
N MET B 279 -17.05 -29.33 1.11
CA MET B 279 -16.11 -30.43 0.84
C MET B 279 -15.86 -31.16 2.19
N GLU B 280 -16.92 -31.27 3.01
CA GLU B 280 -17.00 -31.89 4.35
C GLU B 280 -15.98 -31.44 5.43
N GLY B 281 -15.34 -30.29 5.20
CA GLY B 281 -14.42 -29.67 6.14
C GLY B 281 -12.97 -30.14 6.15
N TYR B 282 -12.34 -30.03 7.34
CA TYR B 282 -10.94 -30.36 7.62
C TYR B 282 -10.58 -31.83 7.60
N GLY B 283 -11.59 -32.70 7.68
CA GLY B 283 -11.45 -34.15 7.63
C GLY B 283 -10.75 -34.63 6.37
N PRO B 284 -11.36 -34.45 5.17
CA PRO B 284 -10.70 -34.90 3.92
C PRO B 284 -9.35 -34.22 3.61
N LEU B 285 -9.16 -32.98 4.10
CA LEU B 285 -7.95 -32.18 3.94
C LEU B 285 -6.78 -32.86 4.65
N LYS B 286 -6.97 -33.21 5.94
CA LYS B 286 -6.04 -33.92 6.82
C LYS B 286 -5.70 -35.30 6.27
N ALA B 287 -6.69 -35.94 5.64
CA ALA B 287 -6.62 -37.27 5.07
C ALA B 287 -5.75 -37.37 3.82
N HIS B 288 -5.65 -36.28 3.03
CA HIS B 288 -4.90 -36.21 1.75
C HIS B 288 -3.59 -37.01 1.73
N PRO B 289 -3.34 -37.81 0.64
CA PRO B 289 -2.09 -38.59 0.53
C PRO B 289 -0.80 -37.94 1.04
N PHE B 290 -0.65 -36.61 0.82
CA PHE B 290 0.50 -35.81 1.22
C PHE B 290 0.74 -35.77 2.75
N PHE B 291 -0.34 -35.86 3.56
CA PHE B 291 -0.31 -35.81 5.03
C PHE B 291 -0.23 -37.18 5.74
N GLU B 292 -0.19 -38.28 4.97
CA GLU B 292 -0.10 -39.69 5.41
C GLU B 292 0.86 -39.92 6.60
N SER B 293 2.07 -39.33 6.53
CA SER B 293 3.13 -39.46 7.54
C SER B 293 3.08 -38.41 8.68
N VAL B 294 1.88 -37.87 9.01
CA VAL B 294 1.77 -36.85 10.06
C VAL B 294 0.77 -37.19 11.20
N THR B 295 1.16 -36.81 12.45
CA THR B 295 0.41 -37.07 13.69
C THR B 295 -0.34 -35.81 14.14
N TRP B 296 -1.61 -35.68 13.69
CA TRP B 296 -2.50 -34.54 13.98
C TRP B 296 -2.81 -34.34 15.48
N GLU B 297 -2.47 -35.36 16.31
CA GLU B 297 -2.67 -35.38 17.76
C GLU B 297 -2.04 -34.16 18.46
N ASN B 298 -0.69 -34.16 18.60
CA ASN B 298 0.01 -33.03 19.24
C ASN B 298 1.26 -32.59 18.48
N LEU B 299 1.03 -31.99 17.27
CA LEU B 299 2.07 -31.47 16.38
C LEU B 299 2.94 -30.43 17.07
N HIS B 300 2.32 -29.55 17.87
CA HIS B 300 2.94 -28.47 18.64
C HIS B 300 3.94 -28.98 19.69
N GLN B 301 3.79 -30.26 20.08
CA GLN B 301 4.64 -30.91 21.07
C GLN B 301 5.72 -31.80 20.43
N GLN B 302 5.62 -32.03 19.09
CA GLN B 302 6.59 -32.80 18.30
C GLN B 302 7.80 -31.94 17.93
N THR B 303 8.97 -32.56 17.81
CA THR B 303 10.19 -31.85 17.42
C THR B 303 10.14 -31.64 15.89
N PRO B 304 10.17 -30.37 15.40
CA PRO B 304 10.11 -30.13 13.94
C PRO B 304 11.37 -30.59 13.20
N PRO B 305 11.25 -31.08 11.94
CA PRO B 305 12.46 -31.50 11.20
C PRO B 305 13.44 -30.36 10.93
N LYS B 306 14.72 -30.70 10.67
CA LYS B 306 15.76 -29.72 10.34
C LYS B 306 15.48 -29.22 8.92
N LEU B 307 15.49 -27.88 8.73
CA LEU B 307 15.19 -27.26 7.43
C LEU B 307 16.18 -27.60 6.30
N THR B 308 15.76 -28.54 5.46
CA THR B 308 16.55 -29.06 4.37
C THR B 308 16.01 -28.66 3.00
N ALA B 309 16.92 -28.24 2.12
CA ALA B 309 16.62 -27.85 0.76
C ALA B 309 16.47 -29.08 -0.14
N TYR B 310 15.91 -28.87 -1.36
CA TYR B 310 15.73 -29.91 -2.37
C TYR B 310 16.19 -29.36 -3.71
N LEU B 311 17.32 -29.86 -4.22
CA LEU B 311 17.93 -29.39 -5.49
C LEU B 311 17.82 -30.41 -6.61
#